data_6YAQ
#
_entry.id   6YAQ
#
_cell.length_a   101.518
_cell.length_b   101.518
_cell.length_c   128.171
_cell.angle_alpha   90.000
_cell.angle_beta   90.000
_cell.angle_gamma   120.000
#
_symmetry.space_group_name_H-M   'P 65'
#
loop_
_entity.id
_entity.type
_entity.pdbx_description
1 polymer 'Cytokinin dehydrogenase 8'
2 non-polymer 1-(3-Chloro-5-trifluoromethoxy-phenyl)-3-[2-(2-hydroxy-ethyl)-phenyl]-urea
3 non-polymer 'FLAVIN-ADENINE DINUCLEOTIDE'
4 non-polymer 'ISOPROPYL ALCOHOL'
5 non-polymer DI(HYDROXYETHYL)ETHER
6 non-polymer 1,2-ETHANEDIOL
7 water water
#
_entity_poly.entity_id   1
_entity_poly.type   'polypeptide(L)'
_entity_poly.pdbx_seq_one_letter_code
;AGHMHPRPLPAAGLPGDLFGLGIASRIRTDSNSTAKAATDFGQMVRAAPEAVFHPATPADIAALVRFSATSAAPFPVAPR
GQGHSWRGQALAPGGVVVDMGSLGRGPRINVSAATGAEPFVDAGGEQLWVDVLRATLRHGLAPRVWTDYLRLTVGGTLSN
AGIGGQAFRHGPQIANVHELDVVTGTGEMVTCSMDVNSDLFMAALGGLGQFGVITRARIRLEPAPKRVRWVRLAYTDVAT
FTKDQEFLISNRTSQVGFDYVEGQVQLNRSLVEGPKSTPFFSGADLARLAGLASRTGPTAIYYIEGAMYYTEDTAISVDK
KMKALLDQLSFEPGFPFTKDVTFVQFLDRVREEERVLRSAGAWEVPHPWLNLFVPRSRILDFDDGVFKALLKDANPAGII
LMYPMNKDRWDDRMTAMTPATDDDDNVFYAVSFLWSALSADDVPQLERWNKAVLDFCDRSGIECKQYLPHYTSQDGWRRH
FGAKWSRIAELKARYDPRALLSPGQRIFPVPVESSGIASA
;
_entity_poly.pdbx_strand_id   A
#
loop_
_chem_comp.id
_chem_comp.type
_chem_comp.name
_chem_comp.formula
EDO non-polymer 1,2-ETHANEDIOL 'C2 H6 O2'
FAD non-polymer 'FLAVIN-ADENINE DINUCLEOTIDE' 'C27 H33 N9 O15 P2'
IPA non-polymer 'ISOPROPYL ALCOHOL' 'C3 H8 O'
OHZ non-polymer 1-(3-Chloro-5-trifluoromethoxy-phenyl)-3-[2-(2-hydroxy-ethyl)-phenyl]-urea 'C16 H14 Cl F3 N2 O3'
PEG non-polymer DI(HYDROXYETHYL)ETHER 'C4 H10 O3'
#
# COMPACT_ATOMS: atom_id res chain seq x y z
N GLY A 13 26.86 -21.98 1.42
CA GLY A 13 25.87 -21.76 0.36
C GLY A 13 26.36 -20.83 -0.72
N LEU A 14 26.64 -19.56 -0.36
CA LEU A 14 27.09 -18.51 -1.29
C LEU A 14 28.46 -18.81 -1.94
N PRO A 15 28.76 -18.30 -3.16
CA PRO A 15 30.08 -18.58 -3.76
C PRO A 15 31.21 -17.94 -2.95
N GLY A 16 32.32 -18.68 -2.80
CA GLY A 16 33.51 -18.24 -2.08
C GLY A 16 34.06 -16.91 -2.55
N ASP A 17 34.02 -16.66 -3.88
CA ASP A 17 34.53 -15.42 -4.49
C ASP A 17 33.77 -14.15 -4.06
N LEU A 18 32.53 -14.29 -3.55
CA LEU A 18 31.73 -13.16 -3.06
C LEU A 18 32.45 -12.43 -1.92
N PHE A 19 33.11 -13.22 -1.04
CA PHE A 19 33.82 -12.72 0.14
C PHE A 19 35.21 -12.11 -0.17
N GLY A 20 35.60 -12.11 -1.44
CA GLY A 20 36.84 -11.50 -1.91
C GLY A 20 36.64 -10.15 -2.58
N LEU A 21 35.36 -9.76 -2.79
CA LEU A 21 35.01 -8.49 -3.45
C LEU A 21 35.22 -7.28 -2.55
N GLY A 22 35.31 -6.09 -3.15
CA GLY A 22 35.38 -4.82 -2.44
C GLY A 22 34.13 -4.57 -1.60
N ILE A 23 32.97 -5.09 -2.08
CA ILE A 23 31.67 -4.98 -1.39
C ILE A 23 31.51 -6.00 -0.23
N ALA A 24 32.44 -6.99 -0.08
CA ALA A 24 32.39 -8.00 0.99
C ALA A 24 32.39 -7.40 2.42
N SER A 25 32.93 -6.17 2.57
CA SER A 25 32.93 -5.44 3.85
C SER A 25 31.48 -5.06 4.26
N ARG A 26 30.52 -5.09 3.30
CA ARG A 26 29.11 -4.75 3.54
C ARG A 26 28.21 -6.00 3.71
N ILE A 27 28.81 -7.21 3.64
CA ILE A 27 28.10 -8.48 3.77
C ILE A 27 28.12 -8.95 5.24
N ARG A 28 26.95 -9.13 5.84
CA ARG A 28 26.77 -9.60 7.22
C ARG A 28 26.20 -11.01 7.19
N THR A 29 26.95 -11.97 7.76
CA THR A 29 26.54 -13.37 7.76
C THR A 29 26.20 -13.93 9.15
N ASP A 30 26.37 -13.13 10.23
CA ASP A 30 26.07 -13.57 11.60
C ASP A 30 24.58 -13.92 11.76
N SER A 31 24.29 -14.85 12.68
CA SER A 31 22.95 -15.32 12.96
C SER A 31 22.01 -14.19 13.39
N ASN A 32 22.49 -13.18 14.18
CA ASN A 32 21.61 -12.07 14.60
C ASN A 32 21.23 -11.15 13.43
N SER A 33 22.16 -10.97 12.47
CA SER A 33 21.92 -10.14 11.28
C SER A 33 20.90 -10.78 10.32
N THR A 34 21.09 -12.08 9.99
CA THR A 34 20.23 -12.83 9.06
C THR A 34 18.83 -13.07 9.66
N ALA A 35 18.73 -13.19 11.00
CA ALA A 35 17.44 -13.39 11.69
C ALA A 35 16.53 -12.17 11.47
N LYS A 36 17.12 -10.96 11.42
CA LYS A 36 16.38 -9.72 11.18
C LYS A 36 15.77 -9.59 9.78
N ALA A 37 16.23 -10.43 8.83
CA ALA A 37 15.75 -10.48 7.45
C ALA A 37 15.06 -11.83 7.13
N ALA A 38 14.76 -12.65 8.17
CA ALA A 38 14.15 -13.98 8.03
C ALA A 38 12.60 -14.01 8.03
N THR A 39 11.96 -12.96 8.60
CA THR A 39 10.51 -12.86 8.71
C THR A 39 10.03 -11.50 8.21
N ASP A 40 8.71 -11.34 8.07
CA ASP A 40 8.12 -10.06 7.64
C ASP A 40 6.95 -9.67 8.56
N PHE A 41 6.24 -8.59 8.22
CA PHE A 41 5.07 -8.13 8.97
C PHE A 41 3.94 -9.21 9.09
N GLY A 42 3.84 -10.11 8.11
CA GLY A 42 2.86 -11.20 8.11
C GLY A 42 3.05 -12.18 9.25
N GLN A 43 4.32 -12.39 9.67
CA GLN A 43 4.73 -13.28 10.77
C GLN A 43 4.22 -14.72 10.62
N MET A 44 4.21 -15.22 9.38
CA MET A 44 3.74 -16.58 9.05
C MET A 44 4.81 -17.36 8.27
N VAL A 45 5.70 -16.65 7.54
CA VAL A 45 6.76 -17.26 6.71
C VAL A 45 8.13 -17.00 7.36
N ARG A 46 8.90 -18.05 7.65
CA ARG A 46 10.25 -17.91 8.19
C ARG A 46 11.24 -18.55 7.21
N ALA A 47 12.07 -17.72 6.56
CA ALA A 47 13.05 -18.14 5.57
C ALA A 47 14.30 -17.25 5.62
N ALA A 48 15.27 -17.65 6.45
CA ALA A 48 16.52 -16.90 6.66
C ALA A 48 17.40 -16.85 5.42
N PRO A 49 17.95 -15.68 5.05
CA PRO A 49 18.87 -15.63 3.91
C PRO A 49 20.26 -16.14 4.33
N GLU A 50 21.16 -16.35 3.36
CA GLU A 50 22.53 -16.75 3.62
C GLU A 50 23.31 -15.54 4.20
N ALA A 51 22.92 -14.32 3.78
CA ALA A 51 23.56 -13.07 4.23
C ALA A 51 22.61 -11.88 4.07
N VAL A 52 22.94 -10.79 4.77
CA VAL A 52 22.28 -9.48 4.66
C VAL A 52 23.34 -8.51 4.15
N PHE A 53 23.04 -7.85 3.01
CA PHE A 53 23.93 -6.87 2.41
C PHE A 53 23.48 -5.50 2.88
N HIS A 54 24.43 -4.70 3.37
CA HIS A 54 24.19 -3.35 3.86
C HIS A 54 24.95 -2.38 2.92
N PRO A 55 24.42 -2.10 1.70
CA PRO A 55 25.12 -1.21 0.77
C PRO A 55 25.27 0.23 1.26
N ALA A 56 26.44 0.84 1.02
CA ALA A 56 26.68 2.23 1.38
C ALA A 56 26.09 3.14 0.26
N THR A 57 26.11 2.65 -0.99
CA THR A 57 25.64 3.40 -2.17
C THR A 57 24.83 2.51 -3.13
N PRO A 58 24.01 3.10 -4.06
CA PRO A 58 23.36 2.28 -5.09
C PRO A 58 24.37 1.49 -5.94
N ALA A 59 25.61 2.03 -6.19
CA ALA A 59 26.64 1.29 -6.96
C ALA A 59 27.04 -0.04 -6.29
N ASP A 60 26.95 -0.13 -4.93
CA ASP A 60 27.20 -1.37 -4.19
C ASP A 60 26.16 -2.43 -4.55
N ILE A 61 24.85 -2.04 -4.67
CA ILE A 61 23.76 -2.95 -5.09
C ILE A 61 24.06 -3.43 -6.51
N ALA A 62 24.43 -2.50 -7.41
CA ALA A 62 24.80 -2.86 -8.80
C ALA A 62 25.91 -3.93 -8.81
N ALA A 63 26.97 -3.74 -7.97
CA ALA A 63 28.11 -4.67 -7.87
C ALA A 63 27.67 -6.04 -7.35
N LEU A 64 26.78 -6.09 -6.33
CA LEU A 64 26.29 -7.36 -5.80
C LEU A 64 25.46 -8.12 -6.86
N VAL A 65 24.54 -7.43 -7.54
CA VAL A 65 23.66 -8.00 -8.57
C VAL A 65 24.50 -8.54 -9.76
N ARG A 66 25.47 -7.73 -10.23
CA ARG A 66 26.38 -8.08 -11.33
CA ARG A 66 26.38 -8.08 -11.33
C ARG A 66 27.17 -9.34 -10.97
N PHE A 67 27.67 -9.45 -9.72
CA PHE A 67 28.43 -10.62 -9.27
C PHE A 67 27.56 -11.88 -9.34
N SER A 68 26.34 -11.83 -8.78
CA SER A 68 25.41 -12.95 -8.85
C SER A 68 25.04 -13.30 -10.32
N ALA A 69 24.78 -12.28 -11.17
CA ALA A 69 24.40 -12.46 -12.57
C ALA A 69 25.50 -13.10 -13.45
N THR A 70 26.79 -12.88 -13.10
CA THR A 70 27.92 -13.41 -13.87
C THR A 70 28.53 -14.67 -13.22
N SER A 71 28.04 -15.02 -12.02
CA SER A 71 28.48 -16.16 -11.23
C SER A 71 28.15 -17.51 -11.89
N ALA A 72 28.93 -18.56 -11.55
CA ALA A 72 28.74 -19.94 -11.99
C ALA A 72 27.51 -20.49 -11.25
N ALA A 73 27.30 -20.02 -10.00
CA ALA A 73 26.17 -20.41 -9.14
C ALA A 73 25.37 -19.13 -8.74
N PRO A 74 24.49 -18.60 -9.63
CA PRO A 74 23.71 -17.39 -9.29
C PRO A 74 22.82 -17.55 -8.07
N PHE A 75 22.76 -16.51 -7.24
CA PHE A 75 21.99 -16.54 -6.02
C PHE A 75 20.89 -15.46 -6.02
N PRO A 76 19.73 -15.76 -5.37
CA PRO A 76 18.67 -14.74 -5.30
C PRO A 76 19.10 -13.49 -4.54
N VAL A 77 18.59 -12.34 -4.97
CA VAL A 77 18.86 -11.04 -4.36
C VAL A 77 17.50 -10.38 -4.07
N ALA A 78 17.19 -10.09 -2.80
CA ALA A 78 15.93 -9.44 -2.49
C ALA A 78 16.09 -8.14 -1.68
N PRO A 79 15.72 -6.96 -2.24
CA PRO A 79 15.77 -5.74 -1.41
C PRO A 79 14.69 -5.85 -0.33
N ARG A 80 14.98 -5.28 0.82
CA ARG A 80 14.05 -5.21 1.93
C ARG A 80 13.94 -3.76 2.35
N GLY A 81 12.71 -3.23 2.28
CA GLY A 81 12.40 -1.89 2.74
C GLY A 81 12.19 -1.97 4.23
N GLN A 82 10.94 -1.97 4.67
CA GLN A 82 10.59 -2.13 6.08
C GLN A 82 10.06 -3.52 6.40
N GLY A 83 10.02 -4.41 5.41
CA GLY A 83 9.45 -5.75 5.56
C GLY A 83 7.95 -5.71 5.81
N HIS A 84 7.27 -4.64 5.32
CA HIS A 84 5.82 -4.48 5.50
C HIS A 84 4.98 -5.20 4.43
N SER A 85 5.34 -6.46 4.19
CA SER A 85 4.70 -7.38 3.28
C SER A 85 4.40 -8.59 4.15
N TRP A 86 3.47 -9.43 3.73
CA TRP A 86 3.01 -10.51 4.58
C TRP A 86 3.02 -11.90 3.93
N ARG A 87 3.55 -12.03 2.68
CA ARG A 87 3.59 -13.33 2.02
C ARG A 87 5.02 -13.74 1.63
N GLY A 88 6.01 -13.25 2.38
CA GLY A 88 7.42 -13.59 2.15
C GLY A 88 8.06 -12.98 0.91
N GLN A 89 7.47 -11.88 0.38
CA GLN A 89 7.96 -11.20 -0.83
C GLN A 89 9.38 -10.61 -0.71
N ALA A 90 9.80 -10.22 0.51
CA ALA A 90 11.12 -9.62 0.77
C ALA A 90 12.16 -10.65 1.26
N LEU A 91 11.79 -11.93 1.27
CA LEU A 91 12.66 -13.01 1.73
C LEU A 91 13.51 -13.62 0.61
N ALA A 92 14.78 -13.92 0.93
CA ALA A 92 15.75 -14.50 -0.01
C ALA A 92 16.49 -15.76 0.56
N PRO A 93 15.78 -16.86 0.94
CA PRO A 93 16.49 -18.08 1.39
C PRO A 93 17.40 -18.61 0.28
N GLY A 94 18.63 -19.01 0.64
CA GLY A 94 19.64 -19.47 -0.33
C GLY A 94 20.34 -18.32 -1.02
N GLY A 95 19.97 -17.09 -0.65
CA GLY A 95 20.51 -15.88 -1.24
C GLY A 95 20.81 -14.75 -0.27
N VAL A 96 20.73 -13.52 -0.80
CA VAL A 96 21.09 -12.31 -0.08
C VAL A 96 19.93 -11.32 -0.01
N VAL A 97 19.60 -10.87 1.20
CA VAL A 97 18.63 -9.81 1.42
C VAL A 97 19.42 -8.50 1.43
N VAL A 98 18.97 -7.50 0.65
CA VAL A 98 19.60 -6.20 0.63
C VAL A 98 18.85 -5.30 1.66
N ASP A 99 19.50 -4.95 2.77
CA ASP A 99 18.91 -4.02 3.77
C ASP A 99 19.02 -2.62 3.14
N MET A 100 17.95 -2.16 2.46
CA MET A 100 17.91 -0.89 1.74
C MET A 100 18.24 0.33 2.62
N GLY A 101 17.81 0.27 3.89
CA GLY A 101 18.06 1.29 4.91
C GLY A 101 19.50 1.80 4.99
N SER A 102 20.51 0.92 4.82
CA SER A 102 21.93 1.26 4.84
CA SER A 102 21.92 1.33 4.88
C SER A 102 22.29 2.37 3.82
N LEU A 103 21.48 2.49 2.73
CA LEU A 103 21.67 3.51 1.68
C LEU A 103 21.39 4.90 2.27
N GLY A 104 20.62 4.93 3.37
CA GLY A 104 20.25 6.16 4.06
C GLY A 104 21.31 6.68 5.03
N ARG A 105 22.61 6.42 4.73
CA ARG A 105 23.79 6.82 5.52
C ARG A 105 23.82 8.32 5.76
N GLY A 106 23.83 9.07 4.65
CA GLY A 106 23.87 10.53 4.62
C GLY A 106 22.65 11.14 3.97
N PRO A 107 22.76 12.38 3.41
CA PRO A 107 21.59 13.03 2.79
C PRO A 107 21.06 12.30 1.56
N ARG A 108 19.81 11.84 1.64
CA ARG A 108 19.17 11.05 0.60
C ARG A 108 17.83 11.61 0.12
N ILE A 109 17.50 12.85 0.50
CA ILE A 109 16.27 13.53 0.08
C ILE A 109 16.63 14.95 -0.37
N ASN A 110 16.38 15.26 -1.64
CA ASN A 110 16.66 16.58 -2.19
C ASN A 110 15.41 17.20 -2.82
N VAL A 111 15.00 18.34 -2.28
CA VAL A 111 13.85 19.11 -2.72
C VAL A 111 14.32 20.20 -3.69
N SER A 112 13.76 20.18 -4.91
CA SER A 112 14.04 21.18 -5.93
C SER A 112 12.80 22.07 -6.06
N ALA A 113 12.87 23.30 -5.52
CA ALA A 113 11.77 24.26 -5.52
C ALA A 113 12.20 25.64 -6.05
N ALA A 114 13.05 25.66 -7.10
CA ALA A 114 13.54 26.88 -7.74
C ALA A 114 12.41 27.60 -8.47
N THR A 115 12.22 28.91 -8.15
CA THR A 115 11.19 29.78 -8.72
C THR A 115 11.26 29.78 -10.26
N GLY A 116 10.09 29.63 -10.89
CA GLY A 116 9.95 29.54 -12.34
C GLY A 116 10.36 28.18 -12.86
N ALA A 117 9.80 27.10 -12.24
CA ALA A 117 10.03 25.68 -12.54
C ALA A 117 9.10 24.81 -11.70
N GLU A 118 8.70 23.64 -12.23
CA GLU A 118 7.84 22.68 -11.55
C GLU A 118 8.61 22.03 -10.37
N PRO A 119 8.12 22.15 -9.10
CA PRO A 119 8.86 21.57 -7.97
C PRO A 119 8.75 20.05 -7.89
N PHE A 120 9.84 19.41 -7.43
CA PHE A 120 9.89 17.95 -7.25
C PHE A 120 10.78 17.60 -6.08
N VAL A 121 10.74 16.32 -5.68
CA VAL A 121 11.59 15.80 -4.63
C VAL A 121 12.26 14.53 -5.12
N ASP A 122 13.58 14.48 -5.02
CA ASP A 122 14.37 13.29 -5.34
C ASP A 122 14.55 12.58 -4.02
N ALA A 123 14.13 11.32 -3.94
CA ALA A 123 14.26 10.58 -2.69
C ALA A 123 14.83 9.22 -2.96
N GLY A 124 15.71 8.75 -2.08
CA GLY A 124 16.29 7.42 -2.21
C GLY A 124 15.17 6.39 -2.13
N GLY A 125 15.33 5.27 -2.85
CA GLY A 125 14.34 4.19 -2.84
C GLY A 125 14.10 3.61 -1.46
N GLU A 126 15.10 3.74 -0.57
CA GLU A 126 15.04 3.24 0.82
C GLU A 126 14.32 4.22 1.75
N GLN A 127 14.17 5.47 1.33
CA GLN A 127 13.60 6.51 2.19
C GLN A 127 12.14 6.26 2.59
N LEU A 128 11.82 6.53 3.86
CA LEU A 128 10.46 6.37 4.37
C LEU A 128 9.65 7.57 3.94
N TRP A 129 8.38 7.33 3.57
CA TRP A 129 7.47 8.42 3.19
C TRP A 129 7.33 9.50 4.29
N VAL A 130 7.40 9.10 5.58
CA VAL A 130 7.36 10.04 6.72
C VAL A 130 8.55 11.03 6.65
N ASP A 131 9.72 10.56 6.21
CA ASP A 131 10.92 11.39 6.10
C ASP A 131 10.86 12.27 4.86
N VAL A 132 10.26 11.77 3.74
CA VAL A 132 10.05 12.57 2.53
C VAL A 132 9.13 13.77 2.93
N LEU A 133 8.05 13.49 3.68
CA LEU A 133 7.07 14.49 4.14
C LEU A 133 7.77 15.59 4.96
N ARG A 134 8.56 15.19 5.96
CA ARG A 134 9.33 16.09 6.81
C ARG A 134 10.25 17.02 5.99
N ALA A 135 10.96 16.46 4.99
CA ALA A 135 11.84 17.27 4.13
C ALA A 135 11.10 18.27 3.23
N THR A 136 9.99 17.86 2.60
CA THR A 136 9.25 18.73 1.67
C THR A 136 8.51 19.86 2.38
N LEU A 137 7.97 19.59 3.59
CA LEU A 137 7.22 20.58 4.39
C LEU A 137 8.05 21.79 4.78
N ARG A 138 9.39 21.61 4.89
CA ARG A 138 10.32 22.70 5.16
C ARG A 138 10.31 23.73 4.01
N HIS A 139 9.81 23.32 2.83
CA HIS A 139 9.68 24.17 1.64
C HIS A 139 8.21 24.51 1.33
N GLY A 140 7.29 24.14 2.23
CA GLY A 140 5.86 24.35 2.07
C GLY A 140 5.26 23.49 0.98
N LEU A 141 5.88 22.34 0.72
CA LEU A 141 5.48 21.40 -0.32
C LEU A 141 5.26 20.01 0.24
N ALA A 142 4.55 19.18 -0.53
CA ALA A 142 4.30 17.79 -0.17
C ALA A 142 3.84 16.97 -1.37
N PRO A 143 4.22 15.67 -1.40
CA PRO A 143 3.66 14.75 -2.40
C PRO A 143 2.12 14.75 -2.28
N ARG A 144 1.46 14.43 -3.39
CA ARG A 144 -0.01 14.51 -3.48
C ARG A 144 -0.79 13.29 -2.99
N VAL A 145 -0.19 12.11 -3.03
CA VAL A 145 -0.87 10.84 -2.73
C VAL A 145 -0.07 10.07 -1.69
N TRP A 146 -0.77 9.56 -0.67
CA TRP A 146 -0.17 8.87 0.44
C TRP A 146 -0.79 7.54 0.76
N THR A 147 0.06 6.60 1.19
CA THR A 147 -0.41 5.35 1.75
C THR A 147 -0.96 5.74 3.14
N ASP A 148 -1.81 4.90 3.73
CA ASP A 148 -2.38 5.13 5.06
C ASP A 148 -1.29 5.09 6.15
N TYR A 149 -0.21 4.30 5.94
CA TYR A 149 0.90 4.12 6.87
C TYR A 149 2.17 4.75 6.25
N LEU A 150 2.80 5.73 6.94
CA LEU A 150 3.96 6.43 6.36
C LEU A 150 5.32 5.74 6.55
N ARG A 151 5.40 4.71 7.41
CA ARG A 151 6.68 4.05 7.63
C ARG A 151 6.88 2.88 6.66
N LEU A 152 6.84 3.24 5.38
CA LEU A 152 7.03 2.36 4.23
C LEU A 152 8.05 3.03 3.32
N THR A 153 8.81 2.25 2.59
CA THR A 153 9.79 2.85 1.71
C THR A 153 9.18 3.30 0.39
N VAL A 154 9.84 4.29 -0.23
CA VAL A 154 9.50 4.86 -1.54
C VAL A 154 9.52 3.71 -2.56
N GLY A 155 10.60 2.92 -2.57
CA GLY A 155 10.79 1.78 -3.46
C GLY A 155 9.81 0.64 -3.26
N GLY A 156 9.47 0.37 -1.99
CA GLY A 156 8.49 -0.65 -1.63
C GLY A 156 7.09 -0.32 -2.11
N THR A 157 6.61 0.92 -1.89
CA THR A 157 5.26 1.29 -2.32
C THR A 157 5.15 1.45 -3.85
N LEU A 158 6.19 2.01 -4.48
CA LEU A 158 6.21 2.19 -5.94
C LEU A 158 6.31 0.87 -6.71
N SER A 159 6.79 -0.19 -6.05
CA SER A 159 6.85 -1.51 -6.68
C SER A 159 5.45 -2.17 -6.67
N ASN A 160 4.46 -1.53 -6.03
CA ASN A 160 3.09 -2.06 -5.95
C ASN A 160 2.10 -1.15 -6.67
N ALA A 161 1.90 0.08 -6.16
CA ALA A 161 1.09 1.17 -6.70
C ALA A 161 1.11 2.32 -5.71
N GLY A 162 0.82 2.00 -4.46
CA GLY A 162 0.76 2.99 -3.39
C GLY A 162 -0.60 3.64 -3.45
N ILE A 163 -1.58 3.02 -2.79
CA ILE A 163 -2.96 3.50 -2.77
C ILE A 163 -3.28 4.18 -1.44
N GLY A 164 -4.28 5.06 -1.48
CA GLY A 164 -4.74 5.81 -0.33
C GLY A 164 -5.88 6.72 -0.70
N GLY A 165 -6.34 7.51 0.26
CA GLY A 165 -7.52 8.38 0.15
C GLY A 165 -7.52 9.50 -0.87
N GLN A 166 -6.35 9.86 -1.44
CA GLN A 166 -6.22 10.93 -2.44
C GLN A 166 -6.13 10.38 -3.88
N ALA A 167 -5.94 9.05 -4.03
CA ALA A 167 -5.79 8.37 -5.32
C ALA A 167 -6.97 8.58 -6.29
N PHE A 168 -8.20 8.81 -5.78
CA PHE A 168 -9.36 9.09 -6.64
C PHE A 168 -9.11 10.37 -7.46
N ARG A 169 -8.38 11.34 -6.89
CA ARG A 169 -8.07 12.62 -7.54
C ARG A 169 -6.82 12.57 -8.39
N HIS A 170 -5.71 12.08 -7.80
CA HIS A 170 -4.40 12.14 -8.44
C HIS A 170 -3.82 10.82 -8.88
N GLY A 171 -4.58 9.75 -8.71
CA GLY A 171 -4.13 8.42 -9.03
C GLY A 171 -3.23 7.86 -7.95
N PRO A 172 -2.74 6.62 -8.12
CA PRO A 172 -1.85 6.03 -7.11
C PRO A 172 -0.47 6.74 -7.08
N GLN A 173 0.36 6.39 -6.09
CA GLN A 173 1.72 6.96 -5.97
C GLN A 173 2.55 6.75 -7.25
N ILE A 174 2.32 5.62 -7.97
CA ILE A 174 3.01 5.33 -9.26
C ILE A 174 2.61 6.30 -10.38
N ALA A 175 1.47 7.02 -10.24
CA ALA A 175 1.02 8.01 -11.22
C ALA A 175 1.57 9.42 -10.88
N ASN A 176 2.40 9.50 -9.82
CA ASN A 176 2.99 10.75 -9.31
C ASN A 176 4.51 10.71 -9.22
N VAL A 177 5.14 10.05 -10.21
CA VAL A 177 6.58 9.84 -10.33
C VAL A 177 7.05 10.37 -11.71
N HIS A 178 8.06 11.28 -11.71
CA HIS A 178 8.64 11.85 -12.93
C HIS A 178 9.71 10.90 -13.49
N GLU A 179 10.56 10.34 -12.62
CA GLU A 179 11.62 9.42 -13.04
C GLU A 179 12.10 8.51 -11.94
N LEU A 180 12.87 7.48 -12.31
CA LEU A 180 13.45 6.48 -11.42
C LEU A 180 14.88 6.15 -11.81
N ASP A 181 15.68 5.74 -10.80
CA ASP A 181 16.98 5.11 -10.97
C ASP A 181 16.70 3.68 -10.59
N VAL A 182 17.08 2.76 -11.46
CA VAL A 182 16.83 1.34 -11.28
C VAL A 182 18.12 0.57 -11.47
N VAL A 183 18.38 -0.40 -10.57
CA VAL A 183 19.51 -1.32 -10.71
C VAL A 183 18.86 -2.60 -11.23
N THR A 184 19.06 -2.90 -12.52
CA THR A 184 18.47 -4.08 -13.17
C THR A 184 19.10 -5.38 -12.65
N GLY A 185 18.51 -6.52 -13.02
CA GLY A 185 18.98 -7.85 -12.66
C GLY A 185 20.26 -8.26 -13.37
N THR A 186 20.81 -7.40 -14.25
CA THR A 186 22.11 -7.64 -14.89
C THR A 186 23.21 -6.83 -14.17
N GLY A 187 22.79 -5.95 -13.25
CA GLY A 187 23.68 -5.08 -12.51
C GLY A 187 23.82 -3.72 -13.16
N GLU A 188 23.07 -3.46 -14.23
CA GLU A 188 23.11 -2.18 -14.94
C GLU A 188 22.30 -1.09 -14.19
N MET A 189 22.89 0.10 -14.04
N MET A 189 22.90 0.10 -14.02
CA MET A 189 22.27 1.26 -13.40
CA MET A 189 22.23 1.24 -13.40
C MET A 189 21.59 2.10 -14.48
C MET A 189 21.57 2.02 -14.53
N VAL A 190 20.24 2.14 -14.50
CA VAL A 190 19.44 2.83 -15.53
C VAL A 190 18.60 3.95 -14.95
N THR A 191 18.65 5.16 -15.55
CA THR A 191 17.75 6.25 -15.22
C THR A 191 16.63 6.15 -16.27
N CYS A 192 15.36 6.11 -15.82
CA CYS A 192 14.21 5.94 -16.70
C CYS A 192 13.05 6.86 -16.35
N SER A 193 12.23 7.17 -17.36
CA SER A 193 11.09 8.09 -17.27
C SER A 193 10.17 7.81 -18.47
N MET A 194 9.12 8.64 -18.65
CA MET A 194 8.21 8.53 -19.80
C MET A 194 8.93 8.77 -21.14
N ASP A 195 10.02 9.55 -21.13
CA ASP A 195 10.76 9.94 -22.33
C ASP A 195 12.10 9.21 -22.56
N VAL A 196 12.68 8.58 -21.51
CA VAL A 196 13.97 7.88 -21.60
C VAL A 196 13.80 6.50 -20.96
N ASN A 197 14.13 5.41 -21.69
CA ASN A 197 14.01 4.01 -21.21
C ASN A 197 12.60 3.75 -20.61
N SER A 198 11.55 4.16 -21.34
CA SER A 198 10.16 4.08 -20.92
C SER A 198 9.65 2.67 -20.66
N ASP A 199 10.21 1.64 -21.35
CA ASP A 199 9.83 0.25 -21.11
C ASP A 199 10.16 -0.16 -19.66
N LEU A 200 11.37 0.19 -19.15
CA LEU A 200 11.78 -0.12 -17.77
C LEU A 200 10.96 0.72 -16.77
N PHE A 201 10.75 2.02 -17.08
CA PHE A 201 9.97 2.92 -16.23
C PHE A 201 8.56 2.36 -15.99
N MET A 202 7.81 2.01 -17.08
CA MET A 202 6.47 1.42 -16.99
C MET A 202 6.50 0.08 -16.29
N ALA A 203 7.53 -0.74 -16.56
CA ALA A 203 7.66 -2.05 -15.94
C ALA A 203 7.89 -1.99 -14.43
N ALA A 204 8.84 -1.15 -13.95
CA ALA A 204 9.20 -1.01 -12.53
C ALA A 204 8.01 -0.52 -11.68
N LEU A 205 7.18 0.40 -12.24
CA LEU A 205 6.03 0.95 -11.52
C LEU A 205 4.92 -0.10 -11.36
N GLY A 206 4.82 -0.63 -10.14
CA GLY A 206 3.91 -1.72 -9.84
C GLY A 206 4.51 -3.05 -10.26
N GLY A 207 5.81 -3.04 -10.57
CA GLY A 207 6.59 -4.18 -11.07
C GLY A 207 7.03 -5.23 -10.08
N LEU A 208 6.67 -5.09 -8.78
CA LEU A 208 6.94 -6.07 -7.71
C LEU A 208 8.46 -6.45 -7.59
N GLY A 209 9.33 -5.48 -7.85
CA GLY A 209 10.79 -5.62 -7.83
C GLY A 209 11.36 -6.59 -8.87
N GLN A 210 10.54 -7.02 -9.85
CA GLN A 210 10.93 -8.03 -10.84
C GLN A 210 11.90 -7.57 -11.91
N PHE A 211 11.95 -6.27 -12.17
CA PHE A 211 12.79 -5.74 -13.26
C PHE A 211 14.04 -5.02 -12.77
N GLY A 212 14.11 -4.81 -11.46
CA GLY A 212 15.21 -4.10 -10.84
C GLY A 212 14.89 -3.49 -9.50
N VAL A 213 15.93 -3.01 -8.82
CA VAL A 213 15.82 -2.37 -7.51
C VAL A 213 15.69 -0.88 -7.76
N ILE A 214 14.65 -0.26 -7.21
CA ILE A 214 14.47 1.19 -7.27
C ILE A 214 15.42 1.83 -6.22
N THR A 215 16.36 2.66 -6.67
CA THR A 215 17.33 3.33 -5.78
C THR A 215 17.04 4.82 -5.64
N ARG A 216 16.27 5.39 -6.57
CA ARG A 216 15.83 6.78 -6.54
C ARG A 216 14.50 6.95 -7.24
N ALA A 217 13.65 7.84 -6.71
CA ALA A 217 12.41 8.23 -7.36
C ALA A 217 12.24 9.75 -7.27
N ARG A 218 11.94 10.39 -8.39
CA ARG A 218 11.65 11.82 -8.46
C ARG A 218 10.13 11.94 -8.32
N ILE A 219 9.68 12.43 -7.15
CA ILE A 219 8.27 12.51 -6.77
C ILE A 219 7.69 13.91 -7.00
N ARG A 220 6.48 13.92 -7.59
CA ARG A 220 5.69 15.12 -7.89
C ARG A 220 5.27 15.80 -6.58
N LEU A 221 5.32 17.14 -6.54
CA LEU A 221 4.95 17.94 -5.36
C LEU A 221 3.87 18.96 -5.66
N GLU A 222 3.12 19.35 -4.61
CA GLU A 222 2.08 20.37 -4.68
C GLU A 222 2.19 21.25 -3.42
N PRO A 223 1.66 22.51 -3.38
CA PRO A 223 1.73 23.29 -2.13
C PRO A 223 1.11 22.52 -0.97
N ALA A 224 1.78 22.51 0.17
CA ALA A 224 1.30 21.75 1.31
C ALA A 224 0.21 22.46 2.13
N PRO A 225 -0.87 21.74 2.53
CA PRO A 225 -1.84 22.35 3.46
C PRO A 225 -1.26 22.41 4.88
N LYS A 226 -1.90 23.16 5.77
CA LYS A 226 -1.43 23.30 7.15
C LYS A 226 -2.23 22.40 8.08
N ARG A 227 -3.55 22.34 7.88
CA ARG A 227 -4.48 21.63 8.74
C ARG A 227 -5.51 20.81 7.95
N VAL A 228 -6.20 19.90 8.66
CA VAL A 228 -7.17 18.97 8.11
C VAL A 228 -8.40 18.86 9.01
N ARG A 229 -9.59 19.05 8.39
CA ARG A 229 -10.88 18.84 9.04
C ARG A 229 -11.26 17.42 8.60
N TRP A 230 -11.24 16.50 9.56
CA TRP A 230 -11.35 15.05 9.39
C TRP A 230 -12.67 14.51 9.97
N VAL A 231 -13.47 13.87 9.11
CA VAL A 231 -14.78 13.33 9.50
C VAL A 231 -14.95 11.84 9.20
N ARG A 232 -15.73 11.19 10.05
CA ARG A 232 -16.24 9.83 9.88
C ARG A 232 -17.76 9.96 9.94
N LEU A 233 -18.43 9.44 8.91
CA LEU A 233 -19.88 9.51 8.71
C LEU A 233 -20.49 8.10 8.68
N ALA A 234 -21.40 7.83 9.62
CA ALA A 234 -22.02 6.50 9.77
C ALA A 234 -23.24 6.23 8.87
N TYR A 235 -23.26 5.05 8.24
CA TYR A 235 -24.35 4.54 7.37
C TYR A 235 -24.74 3.15 7.84
N THR A 236 -26.01 2.80 7.69
CA THR A 236 -26.50 1.46 8.04
C THR A 236 -26.88 0.69 6.78
N ASP A 237 -26.89 1.36 5.62
CA ASP A 237 -27.26 0.76 4.33
C ASP A 237 -26.10 0.85 3.35
N VAL A 238 -25.57 -0.32 2.92
CA VAL A 238 -24.46 -0.40 1.95
C VAL A 238 -24.76 0.38 0.66
N ALA A 239 -26.03 0.36 0.14
CA ALA A 239 -26.39 1.07 -1.10
C ALA A 239 -26.24 2.58 -0.99
N THR A 240 -26.65 3.16 0.15
CA THR A 240 -26.55 4.60 0.41
C THR A 240 -25.07 4.99 0.62
N PHE A 241 -24.32 4.15 1.36
CA PHE A 241 -22.91 4.31 1.65
C PHE A 241 -22.08 4.39 0.33
N THR A 242 -22.30 3.45 -0.60
CA THR A 242 -21.57 3.39 -1.88
C THR A 242 -21.98 4.51 -2.85
N LYS A 243 -23.28 4.89 -2.87
CA LYS A 243 -23.75 5.99 -3.74
C LYS A 243 -23.08 7.28 -3.29
N ASP A 244 -23.01 7.52 -1.96
CA ASP A 244 -22.34 8.70 -1.40
C ASP A 244 -20.82 8.69 -1.62
N GLN A 245 -20.15 7.52 -1.50
CA GLN A 245 -18.70 7.45 -1.76
C GLN A 245 -18.41 7.78 -3.24
N GLU A 246 -19.24 7.24 -4.15
CA GLU A 246 -19.12 7.47 -5.59
C GLU A 246 -19.39 8.92 -5.93
N PHE A 247 -20.38 9.54 -5.25
CA PHE A 247 -20.68 10.97 -5.44
C PHE A 247 -19.46 11.83 -5.02
N LEU A 248 -18.81 11.47 -3.88
CA LEU A 248 -17.64 12.17 -3.34
C LEU A 248 -16.39 12.05 -4.23
N ILE A 249 -16.29 11.00 -5.04
CA ILE A 249 -15.11 10.86 -5.91
C ILE A 249 -15.41 11.31 -7.36
N SER A 250 -16.68 11.69 -7.66
CA SER A 250 -17.19 12.03 -9.01
C SER A 250 -17.53 13.52 -9.29
N ASN A 251 -17.15 14.46 -8.37
CA ASN A 251 -17.38 15.90 -8.54
C ASN A 251 -16.08 16.67 -8.28
N ARG A 252 -14.97 16.12 -8.80
CA ARG A 252 -13.60 16.57 -8.58
C ARG A 252 -13.33 18.04 -8.96
N THR A 253 -14.12 18.62 -9.91
CA THR A 253 -13.97 20.03 -10.34
C THR A 253 -14.65 21.02 -9.37
N SER A 254 -15.62 20.53 -8.56
CA SER A 254 -16.35 21.36 -7.60
C SER A 254 -15.44 21.79 -6.44
N GLN A 255 -15.64 23.02 -5.93
CA GLN A 255 -14.87 23.55 -4.79
C GLN A 255 -15.39 23.00 -3.44
N VAL A 256 -16.58 22.37 -3.46
CA VAL A 256 -17.22 21.72 -2.31
C VAL A 256 -16.87 20.21 -2.43
N GLY A 257 -15.83 19.77 -1.71
CA GLY A 257 -15.37 18.38 -1.72
C GLY A 257 -14.24 18.04 -0.78
N PHE A 258 -13.96 16.72 -0.65
CA PHE A 258 -12.88 16.20 0.17
C PHE A 258 -11.60 16.03 -0.65
N ASP A 259 -10.45 16.14 0.01
CA ASP A 259 -9.16 15.91 -0.62
C ASP A 259 -8.82 14.42 -0.45
N TYR A 260 -9.45 13.80 0.55
CA TYR A 260 -9.26 12.41 0.94
C TYR A 260 -10.63 11.76 1.16
N VAL A 261 -10.81 10.59 0.54
CA VAL A 261 -12.03 9.79 0.66
C VAL A 261 -11.70 8.30 0.88
N GLU A 262 -12.06 7.78 2.03
CA GLU A 262 -11.94 6.35 2.31
C GLU A 262 -13.25 5.89 2.97
N GLY A 263 -13.25 4.64 3.39
CA GLY A 263 -14.36 4.03 4.08
C GLY A 263 -13.99 2.79 4.83
N GLN A 264 -14.87 2.41 5.76
CA GLN A 264 -14.67 1.27 6.63
C GLN A 264 -15.96 0.46 6.80
N VAL A 265 -15.82 -0.87 6.90
CA VAL A 265 -16.91 -1.82 7.14
C VAL A 265 -16.68 -2.37 8.55
N GLN A 266 -17.59 -2.08 9.47
CA GLN A 266 -17.48 -2.59 10.83
C GLN A 266 -18.59 -3.60 11.07
N LEU A 267 -18.22 -4.88 11.20
CA LEU A 267 -19.15 -5.98 11.43
C LEU A 267 -19.83 -5.80 12.80
N ASN A 268 -21.11 -6.14 12.91
CA ASN A 268 -21.90 -5.95 14.13
C ASN A 268 -21.16 -6.34 15.44
N ARG A 269 -20.59 -7.55 15.49
CA ARG A 269 -19.87 -8.05 16.66
C ARG A 269 -18.63 -7.23 17.02
N SER A 270 -17.94 -6.66 16.00
CA SER A 270 -16.76 -5.81 16.19
C SER A 270 -17.04 -4.53 16.97
N LEU A 271 -18.29 -4.02 16.90
CA LEU A 271 -18.70 -2.82 17.62
C LEU A 271 -19.12 -3.20 19.04
N VAL A 272 -20.12 -4.11 19.16
CA VAL A 272 -20.73 -4.61 20.39
C VAL A 272 -19.68 -5.21 21.36
N GLU A 273 -18.76 -6.06 20.85
CA GLU A 273 -17.73 -6.72 21.65
C GLU A 273 -16.35 -6.03 21.59
N GLY A 274 -16.26 -4.92 20.84
CA GLY A 274 -15.02 -4.18 20.66
C GLY A 274 -14.52 -3.36 21.83
N PRO A 275 -13.46 -2.52 21.62
CA PRO A 275 -12.91 -1.70 22.73
C PRO A 275 -13.87 -0.65 23.27
N LYS A 276 -13.53 -0.08 24.45
CA LYS A 276 -14.32 0.96 25.12
C LYS A 276 -14.15 2.31 24.39
N SER A 277 -12.95 2.56 23.84
CA SER A 277 -12.57 3.76 23.08
C SER A 277 -11.46 3.45 22.07
N THR A 278 -11.29 4.33 21.06
CA THR A 278 -10.27 4.22 20.00
C THR A 278 -9.53 5.57 19.89
N PRO A 279 -8.40 5.70 19.11
CA PRO A 279 -7.76 7.03 18.98
C PRO A 279 -8.67 8.08 18.34
N PHE A 280 -9.72 7.65 17.57
CA PHE A 280 -10.68 8.56 16.94
C PHE A 280 -11.98 8.70 17.76
N PHE A 281 -12.57 7.58 18.22
CA PHE A 281 -13.84 7.61 18.95
C PHE A 281 -13.72 7.51 20.46
N SER A 282 -14.54 8.31 21.16
CA SER A 282 -14.64 8.29 22.62
C SER A 282 -15.56 7.14 23.04
N GLY A 283 -15.77 6.98 24.34
CA GLY A 283 -16.65 5.97 24.92
C GLY A 283 -18.11 6.27 24.58
N ALA A 284 -18.49 7.56 24.65
CA ALA A 284 -19.83 8.06 24.33
C ALA A 284 -20.15 7.87 22.83
N ASP A 285 -19.13 8.01 21.95
CA ASP A 285 -19.26 7.83 20.50
C ASP A 285 -19.57 6.36 20.21
N LEU A 286 -18.77 5.43 20.77
CA LEU A 286 -18.93 3.99 20.59
C LEU A 286 -20.24 3.45 21.15
N ALA A 287 -20.73 4.07 22.25
CA ALA A 287 -22.00 3.70 22.90
C ALA A 287 -23.16 3.99 21.96
N ARG A 288 -23.18 5.19 21.35
CA ARG A 288 -24.21 5.62 20.40
C ARG A 288 -24.17 4.78 19.11
N LEU A 289 -22.96 4.44 18.62
CA LEU A 289 -22.75 3.63 17.42
C LEU A 289 -23.25 2.19 17.61
N ALA A 290 -23.04 1.63 18.83
CA ALA A 290 -23.51 0.30 19.22
C ALA A 290 -25.06 0.30 19.25
N GLY A 291 -25.64 1.42 19.67
CA GLY A 291 -27.08 1.64 19.70
C GLY A 291 -27.66 1.68 18.30
N LEU A 292 -26.96 2.37 17.38
CA LEU A 292 -27.36 2.49 15.96
C LEU A 292 -27.29 1.12 15.24
N ALA A 293 -26.22 0.34 15.49
CA ALA A 293 -25.98 -0.99 14.92
C ALA A 293 -26.95 -2.09 15.41
N SER A 294 -27.86 -1.76 16.35
CA SER A 294 -28.81 -2.72 16.94
C SER A 294 -30.26 -2.19 17.11
N ARG A 295 -30.64 -1.09 16.42
CA ARG A 295 -31.98 -0.49 16.58
C ARG A 295 -33.14 -1.36 16.03
N THR A 296 -32.91 -2.09 14.92
CA THR A 296 -33.92 -2.97 14.31
C THR A 296 -33.30 -4.36 14.09
N GLY A 297 -32.43 -4.75 15.03
CA GLY A 297 -31.69 -6.00 14.97
C GLY A 297 -30.22 -5.75 14.68
N PRO A 298 -29.38 -6.80 14.58
CA PRO A 298 -27.95 -6.56 14.33
C PRO A 298 -27.57 -6.24 12.89
N THR A 299 -26.86 -5.12 12.67
CA THR A 299 -26.36 -4.71 11.35
C THR A 299 -24.90 -4.28 11.46
N ALA A 300 -24.20 -4.28 10.32
CA ALA A 300 -22.85 -3.75 10.21
C ALA A 300 -22.99 -2.22 10.04
N ILE A 301 -21.95 -1.47 10.40
CA ILE A 301 -21.94 -0.01 10.19
C ILE A 301 -20.89 0.23 9.11
N TYR A 302 -21.22 1.09 8.15
CA TYR A 302 -20.32 1.50 7.07
C TYR A 302 -19.98 2.96 7.33
N TYR A 303 -18.69 3.27 7.42
CA TYR A 303 -18.28 4.65 7.66
C TYR A 303 -17.63 5.23 6.43
N ILE A 304 -18.00 6.45 6.08
CA ILE A 304 -17.25 7.19 5.06
C ILE A 304 -16.26 8.01 5.89
N GLU A 305 -15.00 8.00 5.48
CA GLU A 305 -13.96 8.81 6.10
C GLU A 305 -13.50 9.87 5.10
N GLY A 306 -13.79 11.13 5.43
CA GLY A 306 -13.44 12.28 4.60
C GLY A 306 -12.48 13.24 5.28
N ALA A 307 -11.60 13.88 4.51
CA ALA A 307 -10.67 14.86 5.05
C ALA A 307 -10.61 16.05 4.11
N MET A 308 -10.77 17.23 4.69
CA MET A 308 -10.75 18.51 3.99
C MET A 308 -9.48 19.28 4.42
N TYR A 309 -8.58 19.48 3.47
CA TYR A 309 -7.33 20.19 3.68
C TYR A 309 -7.60 21.71 3.70
N TYR A 310 -6.83 22.46 4.50
CA TYR A 310 -6.89 23.93 4.51
C TYR A 310 -5.55 24.53 4.96
N THR A 311 -5.32 25.81 4.63
CA THR A 311 -4.06 26.47 4.95
C THR A 311 -4.27 27.58 5.99
N GLU A 312 -4.60 28.80 5.57
CA GLU A 312 -4.77 29.95 6.48
C GLU A 312 -6.21 30.23 6.87
N ASP A 313 -7.15 29.39 6.41
CA ASP A 313 -8.59 29.48 6.67
C ASP A 313 -8.89 29.53 8.17
N THR A 314 -9.81 30.41 8.56
CA THR A 314 -10.27 30.52 9.96
C THR A 314 -11.12 29.27 10.33
N ALA A 315 -11.24 29.00 11.65
CA ALA A 315 -12.04 27.89 12.17
C ALA A 315 -13.52 27.99 11.70
N ILE A 316 -14.11 29.20 11.77
CA ILE A 316 -15.49 29.43 11.38
C ILE A 316 -15.69 29.21 9.84
N SER A 317 -14.70 29.58 8.98
CA SER A 317 -14.82 29.37 7.54
CA SER A 317 -14.84 29.37 7.55
C SER A 317 -14.76 27.88 7.20
N VAL A 318 -13.91 27.12 7.92
CA VAL A 318 -13.76 25.66 7.72
C VAL A 318 -15.07 24.96 8.12
N ASP A 319 -15.68 25.40 9.26
CA ASP A 319 -16.98 24.92 9.73
C ASP A 319 -18.04 25.07 8.61
N LYS A 320 -18.07 26.25 7.95
CA LYS A 320 -19.01 26.58 6.89
C LYS A 320 -18.77 25.69 5.64
N LYS A 321 -17.48 25.50 5.24
CA LYS A 321 -17.12 24.66 4.10
C LYS A 321 -17.50 23.18 4.34
N MET A 322 -17.19 22.67 5.54
CA MET A 322 -17.52 21.29 5.91
C MET A 322 -19.04 21.09 5.95
N LYS A 323 -19.77 22.06 6.55
CA LYS A 323 -21.24 22.02 6.60
C LYS A 323 -21.85 22.01 5.18
N ALA A 324 -21.32 22.83 4.23
CA ALA A 324 -21.82 22.86 2.85
C ALA A 324 -21.68 21.48 2.18
N LEU A 325 -20.59 20.77 2.49
CA LEU A 325 -20.33 19.43 1.96
C LEU A 325 -21.24 18.38 2.60
N LEU A 326 -21.25 18.31 3.95
CA LEU A 326 -22.06 17.34 4.70
C LEU A 326 -23.58 17.49 4.43
N ASP A 327 -24.03 18.71 4.11
CA ASP A 327 -25.42 19.05 3.76
C ASP A 327 -25.89 18.35 2.48
N GLN A 328 -24.95 17.83 1.66
CA GLN A 328 -25.26 17.13 0.42
C GLN A 328 -25.40 15.61 0.64
N LEU A 329 -24.96 15.12 1.81
CA LEU A 329 -24.87 13.69 2.04
C LEU A 329 -26.02 13.05 2.80
N SER A 330 -26.05 11.71 2.78
CA SER A 330 -27.14 10.90 3.32
C SER A 330 -26.74 9.95 4.45
N PHE A 331 -25.74 10.35 5.25
CA PHE A 331 -25.34 9.58 6.44
C PHE A 331 -26.47 9.66 7.49
N GLU A 332 -26.46 8.75 8.45
CA GLU A 332 -27.41 8.69 9.56
C GLU A 332 -27.42 10.02 10.33
N PRO A 333 -28.59 10.72 10.39
CA PRO A 333 -28.61 12.03 11.08
C PRO A 333 -28.14 11.94 12.53
N GLY A 334 -27.30 12.90 12.91
CA GLY A 334 -26.71 12.94 14.24
C GLY A 334 -25.48 12.03 14.38
N PHE A 335 -25.04 11.42 13.25
CA PHE A 335 -23.85 10.55 13.29
C PHE A 335 -22.63 11.08 12.48
N PRO A 336 -22.35 12.41 12.39
CA PRO A 336 -21.04 12.82 11.85
C PRO A 336 -20.05 12.93 13.05
N PHE A 337 -18.83 12.44 12.90
CA PHE A 337 -17.81 12.52 13.97
C PHE A 337 -16.64 13.31 13.40
N THR A 338 -16.19 14.34 14.13
CA THR A 338 -15.23 15.31 13.59
C THR A 338 -13.98 15.54 14.44
N LYS A 339 -12.85 15.68 13.76
CA LYS A 339 -11.56 16.04 14.34
C LYS A 339 -10.93 17.14 13.49
N ASP A 340 -10.14 17.99 14.14
CA ASP A 340 -9.39 19.05 13.46
C ASP A 340 -7.94 18.92 13.91
N VAL A 341 -7.05 18.63 12.95
CA VAL A 341 -5.66 18.31 13.23
C VAL A 341 -4.70 19.02 12.26
N THR A 342 -3.38 18.89 12.49
CA THR A 342 -2.38 19.42 11.55
C THR A 342 -2.31 18.43 10.37
N PHE A 343 -1.77 18.87 9.23
CA PHE A 343 -1.59 18.02 8.05
C PHE A 343 -0.71 16.77 8.40
N VAL A 344 0.39 16.97 9.18
CA VAL A 344 1.29 15.89 9.65
C VAL A 344 0.52 14.92 10.54
N GLN A 345 -0.28 15.44 11.49
CA GLN A 345 -1.09 14.58 12.38
C GLN A 345 -2.07 13.72 11.58
N PHE A 346 -2.70 14.29 10.52
CA PHE A 346 -3.63 13.54 9.67
C PHE A 346 -2.88 12.46 8.91
N LEU A 347 -1.82 12.82 8.17
CA LEU A 347 -1.06 11.83 7.38
C LEU A 347 -0.41 10.75 8.25
N ASP A 348 0.07 11.11 9.47
CA ASP A 348 0.72 10.15 10.36
C ASP A 348 -0.23 9.51 11.39
N ARG A 349 -1.56 9.60 11.16
CA ARG A 349 -2.62 9.08 12.05
C ARG A 349 -2.43 7.60 12.46
N VAL A 350 -1.94 6.73 11.55
CA VAL A 350 -1.81 5.30 11.82
C VAL A 350 -0.66 5.03 12.83
N ARG A 351 0.34 5.94 12.94
CA ARG A 351 1.41 5.80 13.93
C ARG A 351 0.83 5.72 15.37
N GLU A 352 -0.23 6.51 15.64
CA GLU A 352 -0.94 6.49 16.93
C GLU A 352 -1.68 5.15 17.16
N GLU A 353 -2.27 4.58 16.08
CA GLU A 353 -2.94 3.27 16.15
C GLU A 353 -1.89 2.19 16.46
N GLU A 354 -0.72 2.27 15.80
CA GLU A 354 0.39 1.33 16.02
C GLU A 354 0.88 1.35 17.49
N ARG A 355 1.03 2.55 18.05
CA ARG A 355 1.47 2.80 19.43
C ARG A 355 0.54 2.06 20.42
N VAL A 356 -0.78 2.20 20.21
CA VAL A 356 -1.85 1.57 21.02
C VAL A 356 -1.78 0.04 20.89
N LEU A 357 -1.67 -0.46 19.64
CA LEU A 357 -1.57 -1.89 19.35
C LEU A 357 -0.32 -2.52 19.95
N ARG A 358 0.85 -1.84 19.85
CA ARG A 358 2.12 -2.32 20.42
C ARG A 358 2.02 -2.40 21.96
N SER A 359 1.38 -1.42 22.60
CA SER A 359 1.19 -1.42 24.06
C SER A 359 0.36 -2.64 24.52
N ALA A 360 -0.66 -3.01 23.71
CA ALA A 360 -1.55 -4.14 23.95
C ALA A 360 -0.94 -5.51 23.54
N GLY A 361 0.21 -5.49 22.88
CA GLY A 361 0.85 -6.70 22.35
C GLY A 361 0.05 -7.28 21.19
N ALA A 362 -0.61 -6.39 20.40
CA ALA A 362 -1.49 -6.74 19.28
C ALA A 362 -0.97 -6.23 17.92
N TRP A 363 0.31 -5.85 17.84
CA TRP A 363 0.93 -5.38 16.60
C TRP A 363 1.81 -6.48 16.00
N GLU A 364 2.75 -7.03 16.78
CA GLU A 364 3.66 -8.09 16.32
C GLU A 364 2.99 -9.46 16.48
N VAL A 365 1.98 -9.67 15.62
CA VAL A 365 1.12 -10.85 15.53
C VAL A 365 0.97 -11.21 14.04
N PRO A 366 0.49 -12.43 13.67
CA PRO A 366 0.28 -12.71 12.23
C PRO A 366 -0.74 -11.79 11.55
N HIS A 367 -0.44 -11.39 10.31
CA HIS A 367 -1.33 -10.53 9.50
C HIS A 367 -1.66 -11.22 8.16
N PRO A 368 -2.63 -12.18 8.15
CA PRO A 368 -2.98 -12.85 6.88
C PRO A 368 -3.95 -11.95 6.08
N TRP A 369 -3.44 -10.78 5.71
CA TRP A 369 -4.17 -9.72 5.01
C TRP A 369 -4.53 -10.09 3.57
N LEU A 370 -5.62 -9.50 3.06
CA LEU A 370 -6.10 -9.70 1.68
C LEU A 370 -6.60 -8.36 1.13
N ASN A 371 -6.08 -7.96 -0.02
CA ASN A 371 -6.47 -6.70 -0.64
C ASN A 371 -7.02 -6.96 -2.04
N LEU A 372 -8.27 -6.52 -2.28
CA LEU A 372 -8.94 -6.73 -3.55
C LEU A 372 -9.41 -5.45 -4.20
N PHE A 373 -9.35 -5.43 -5.54
CA PHE A 373 -9.91 -4.39 -6.39
C PHE A 373 -11.12 -5.06 -7.03
N VAL A 374 -12.31 -4.54 -6.71
CA VAL A 374 -13.61 -5.06 -7.09
C VAL A 374 -14.32 -4.12 -8.08
N PRO A 375 -14.81 -4.64 -9.24
CA PRO A 375 -15.56 -3.78 -10.18
C PRO A 375 -16.80 -3.18 -9.51
N ARG A 376 -17.07 -1.88 -9.77
N ARG A 376 -17.08 -1.88 -9.78
CA ARG A 376 -18.19 -1.15 -9.18
CA ARG A 376 -18.23 -1.14 -9.21
C ARG A 376 -19.57 -1.81 -9.45
C ARG A 376 -19.56 -1.86 -9.43
N SER A 377 -19.80 -2.36 -10.66
CA SER A 377 -21.06 -3.05 -11.02
C SER A 377 -21.35 -4.28 -10.14
N ARG A 378 -20.32 -4.85 -9.48
CA ARG A 378 -20.47 -6.02 -8.62
C ARG A 378 -20.31 -5.73 -7.12
N ILE A 379 -20.11 -4.47 -6.73
CA ILE A 379 -19.85 -4.11 -5.33
C ILE A 379 -20.99 -4.52 -4.36
N LEU A 380 -22.27 -4.41 -4.77
CA LEU A 380 -23.40 -4.79 -3.92
C LEU A 380 -23.53 -6.32 -3.83
N ASP A 381 -23.18 -7.03 -4.92
CA ASP A 381 -23.14 -8.51 -4.96
C ASP A 381 -22.02 -8.99 -4.02
N PHE A 382 -20.85 -8.31 -4.06
CA PHE A 382 -19.70 -8.60 -3.18
C PHE A 382 -20.13 -8.43 -1.72
N ASP A 383 -20.75 -7.29 -1.39
CA ASP A 383 -21.23 -7.02 -0.05
C ASP A 383 -22.18 -8.11 0.45
N ASP A 384 -23.12 -8.56 -0.41
CA ASP A 384 -24.09 -9.58 -0.07
C ASP A 384 -23.44 -10.91 0.27
N GLY A 385 -22.55 -11.39 -0.59
CA GLY A 385 -21.85 -12.65 -0.35
C GLY A 385 -20.82 -12.64 0.75
N VAL A 386 -20.10 -11.52 0.92
CA VAL A 386 -19.00 -11.45 1.88
C VAL A 386 -19.44 -10.92 3.26
N PHE A 387 -19.95 -9.69 3.32
CA PHE A 387 -20.30 -9.06 4.59
C PHE A 387 -21.63 -9.53 5.17
N LYS A 388 -22.64 -9.80 4.31
CA LYS A 388 -23.97 -10.24 4.73
C LYS A 388 -24.15 -11.75 4.84
N ALA A 389 -23.23 -12.55 4.26
CA ALA A 389 -23.37 -14.01 4.33
C ALA A 389 -22.19 -14.62 5.06
N LEU A 390 -21.01 -14.57 4.44
CA LEU A 390 -19.80 -15.14 4.98
C LEU A 390 -19.37 -14.60 6.35
N LEU A 391 -19.36 -13.26 6.52
CA LEU A 391 -18.82 -12.64 7.73
C LEU A 391 -19.85 -12.02 8.69
N LYS A 392 -21.16 -12.21 8.45
CA LYS A 392 -22.23 -11.59 9.25
C LYS A 392 -22.10 -11.81 10.78
N ASP A 393 -21.61 -13.00 11.21
CA ASP A 393 -21.45 -13.34 12.61
C ASP A 393 -19.97 -13.39 13.05
N ALA A 394 -19.06 -12.90 12.19
CA ALA A 394 -17.63 -12.90 12.46
C ALA A 394 -17.20 -11.71 13.34
N ASN A 395 -16.18 -11.91 14.17
CA ASN A 395 -15.61 -10.84 14.97
C ASN A 395 -14.08 -10.82 14.84
N PRO A 396 -13.51 -10.56 13.63
CA PRO A 396 -12.04 -10.55 13.53
C PRO A 396 -11.44 -9.29 14.14
N ALA A 397 -10.19 -9.41 14.63
CA ALA A 397 -9.42 -8.27 15.13
C ALA A 397 -8.96 -7.54 13.83
N GLY A 398 -8.55 -6.29 13.97
CA GLY A 398 -8.11 -5.50 12.82
C GLY A 398 -9.26 -4.74 12.21
N ILE A 399 -9.14 -4.34 10.95
CA ILE A 399 -10.18 -3.55 10.27
C ILE A 399 -10.44 -4.02 8.86
N ILE A 400 -11.55 -3.55 8.28
CA ILE A 400 -11.93 -3.81 6.89
C ILE A 400 -12.17 -2.46 6.25
N LEU A 401 -11.35 -2.13 5.23
CA LEU A 401 -11.50 -0.87 4.49
C LEU A 401 -12.21 -1.10 3.16
N MET A 402 -12.97 -0.08 2.72
CA MET A 402 -13.75 -0.13 1.50
C MET A 402 -13.99 1.27 0.97
N TYR A 403 -13.51 1.54 -0.26
CA TYR A 403 -13.71 2.83 -0.90
C TYR A 403 -13.45 2.75 -2.42
N PRO A 404 -14.07 3.65 -3.21
CA PRO A 404 -13.86 3.62 -4.65
C PRO A 404 -12.72 4.52 -5.13
N MET A 405 -12.23 4.19 -6.31
CA MET A 405 -11.19 4.92 -7.02
C MET A 405 -11.59 5.11 -8.47
N ASN A 406 -10.85 5.97 -9.18
CA ASN A 406 -11.08 6.30 -10.59
C ASN A 406 -9.98 5.72 -11.50
N LYS A 407 -10.36 4.82 -12.44
CA LYS A 407 -9.47 4.18 -13.41
C LYS A 407 -8.73 5.18 -14.30
N ASP A 408 -9.37 6.34 -14.60
CA ASP A 408 -8.80 7.41 -15.43
C ASP A 408 -7.56 8.09 -14.80
N ARG A 409 -7.28 7.83 -13.51
CA ARG A 409 -6.08 8.40 -12.85
C ARG A 409 -4.92 7.38 -12.78
N TRP A 410 -5.19 6.14 -13.22
CA TRP A 410 -4.22 5.04 -13.26
C TRP A 410 -3.73 4.91 -14.72
N ASP A 411 -2.43 4.67 -14.92
CA ASP A 411 -1.88 4.45 -16.26
C ASP A 411 -1.80 2.93 -16.46
N ASP A 412 -2.69 2.38 -17.30
CA ASP A 412 -2.73 0.94 -17.53
C ASP A 412 -1.52 0.39 -18.35
N ARG A 413 -0.60 1.26 -18.81
CA ARG A 413 0.65 0.81 -19.46
C ARG A 413 1.65 0.42 -18.35
N MET A 414 1.39 0.80 -17.08
CA MET A 414 2.27 0.41 -15.96
C MET A 414 1.87 -1.01 -15.57
N THR A 415 2.78 -1.73 -14.89
CA THR A 415 2.56 -3.14 -14.48
C THR A 415 1.33 -3.34 -13.57
N ALA A 416 1.12 -2.42 -12.60
CA ALA A 416 0.01 -2.52 -11.64
C ALA A 416 -1.36 -2.79 -12.31
N MET A 417 -2.05 -3.82 -11.80
CA MET A 417 -3.34 -4.28 -12.30
C MET A 417 -4.56 -3.71 -11.57
N THR A 418 -5.55 -3.26 -12.37
CA THR A 418 -6.86 -2.79 -11.91
C THR A 418 -7.96 -3.63 -12.62
N PRO A 419 -9.22 -3.70 -12.11
CA PRO A 419 -10.22 -4.55 -12.78
C PRO A 419 -10.59 -4.15 -14.21
N ALA A 420 -10.70 -5.15 -15.09
CA ALA A 420 -11.14 -4.94 -16.48
C ALA A 420 -12.66 -5.19 -16.53
N THR A 421 -13.41 -4.33 -17.24
CA THR A 421 -14.88 -4.46 -17.42
C THR A 421 -15.27 -4.35 -18.90
N ASP A 422 -16.37 -5.05 -19.31
CA ASP A 422 -16.87 -5.01 -20.70
C ASP A 422 -17.35 -3.60 -21.11
N ASP A 423 -17.93 -2.84 -20.16
CA ASP A 423 -18.45 -1.49 -20.40
C ASP A 423 -17.46 -0.33 -20.07
N ASP A 424 -16.16 -0.65 -19.84
CA ASP A 424 -15.10 0.33 -19.49
C ASP A 424 -15.52 1.26 -18.34
N ASP A 425 -16.13 0.70 -17.28
CA ASP A 425 -16.57 1.47 -16.10
C ASP A 425 -15.34 2.15 -15.45
N ASN A 426 -15.41 3.48 -15.26
CA ASN A 426 -14.34 4.25 -14.66
C ASN A 426 -14.11 3.98 -13.15
N VAL A 427 -15.14 3.47 -12.45
CA VAL A 427 -15.07 3.27 -11.01
C VAL A 427 -14.85 1.83 -10.63
N PHE A 428 -13.92 1.60 -9.70
CA PHE A 428 -13.64 0.31 -9.07
C PHE A 428 -13.47 0.56 -7.55
N TYR A 429 -13.62 -0.48 -6.73
CA TYR A 429 -13.50 -0.40 -5.28
C TYR A 429 -12.27 -1.11 -4.77
N ALA A 430 -11.65 -0.55 -3.75
CA ALA A 430 -10.58 -1.24 -3.03
C ALA A 430 -11.23 -1.77 -1.75
N VAL A 431 -11.14 -3.09 -1.51
CA VAL A 431 -11.68 -3.74 -0.31
C VAL A 431 -10.48 -4.40 0.37
N SER A 432 -10.14 -3.92 1.58
CA SER A 432 -8.95 -4.40 2.30
C SER A 432 -9.33 -5.14 3.56
N PHE A 433 -9.00 -6.43 3.61
CA PHE A 433 -9.25 -7.27 4.79
C PHE A 433 -7.95 -7.25 5.62
N LEU A 434 -7.87 -6.27 6.55
CA LEU A 434 -6.69 -6.08 7.39
C LEU A 434 -6.93 -6.71 8.76
N TRP A 435 -7.26 -8.00 8.75
CA TRP A 435 -7.54 -8.75 9.97
C TRP A 435 -6.27 -9.40 10.51
N SER A 436 -6.12 -9.30 11.82
CA SER A 436 -4.95 -9.83 12.52
CA SER A 436 -4.95 -9.85 12.50
C SER A 436 -5.31 -10.99 13.43
N ALA A 437 -4.37 -11.91 13.62
CA ALA A 437 -4.54 -13.06 14.50
C ALA A 437 -3.89 -12.68 15.85
N LEU A 438 -4.70 -12.24 16.84
CA LEU A 438 -4.23 -11.88 18.20
C LEU A 438 -3.38 -13.00 18.81
N SER A 439 -3.73 -14.25 18.41
CA SER A 439 -3.04 -15.49 18.74
CA SER A 439 -3.02 -15.47 18.74
C SER A 439 -2.77 -16.19 17.41
N ALA A 440 -1.56 -16.78 17.23
CA ALA A 440 -1.20 -17.51 16.00
C ALA A 440 -2.20 -18.66 15.69
N ASP A 441 -3.03 -19.05 16.69
CA ASP A 441 -4.06 -20.08 16.56
C ASP A 441 -5.27 -19.59 15.76
N ASP A 442 -5.45 -18.25 15.64
CA ASP A 442 -6.54 -17.62 14.88
C ASP A 442 -6.24 -17.58 13.38
N VAL A 443 -4.99 -17.87 12.94
CA VAL A 443 -4.57 -17.82 11.52
C VAL A 443 -5.44 -18.74 10.61
N PRO A 444 -5.66 -20.06 10.89
CA PRO A 444 -6.44 -20.90 9.96
C PRO A 444 -7.82 -20.36 9.63
N GLN A 445 -8.55 -19.80 10.61
CA GLN A 445 -9.87 -19.23 10.37
C GLN A 445 -9.80 -18.03 9.40
N LEU A 446 -8.84 -17.12 9.62
CA LEU A 446 -8.65 -15.94 8.76
C LEU A 446 -8.26 -16.35 7.34
N GLU A 447 -7.42 -17.40 7.19
CA GLU A 447 -7.01 -17.90 5.88
C GLU A 447 -8.17 -18.59 5.15
N ARG A 448 -9.05 -19.28 5.92
CA ARG A 448 -10.28 -19.92 5.39
C ARG A 448 -11.23 -18.84 4.88
N TRP A 449 -11.33 -17.70 5.62
CA TRP A 449 -12.17 -16.58 5.18
C TRP A 449 -11.61 -15.96 3.91
N ASN A 450 -10.26 -15.78 3.84
CA ASN A 450 -9.56 -15.24 2.65
C ASN A 450 -9.91 -16.08 1.43
N LYS A 451 -9.77 -17.42 1.56
CA LYS A 451 -10.05 -18.35 0.47
C LYS A 451 -11.54 -18.35 0.12
N ALA A 452 -12.44 -18.23 1.12
CA ALA A 452 -13.89 -18.16 0.91
C ALA A 452 -14.28 -16.91 0.11
N VAL A 453 -13.60 -15.75 0.38
CA VAL A 453 -13.85 -14.49 -0.34
C VAL A 453 -13.50 -14.73 -1.83
N LEU A 454 -12.28 -15.25 -2.10
CA LEU A 454 -11.79 -15.53 -3.46
C LEU A 454 -12.67 -16.56 -4.21
N ASP A 455 -13.10 -17.65 -3.51
CA ASP A 455 -13.97 -18.69 -4.09
C ASP A 455 -15.35 -18.14 -4.42
N PHE A 456 -15.89 -17.26 -3.55
CA PHE A 456 -17.15 -16.58 -3.79
C PHE A 456 -17.10 -15.73 -5.08
N CYS A 457 -16.01 -14.96 -5.27
CA CYS A 457 -15.82 -14.12 -6.46
C CYS A 457 -15.75 -14.99 -7.72
N ASP A 458 -15.01 -16.14 -7.65
CA ASP A 458 -14.90 -17.11 -8.74
C ASP A 458 -16.29 -17.65 -9.16
N ARG A 459 -17.08 -18.18 -8.20
CA ARG A 459 -18.41 -18.75 -8.43
C ARG A 459 -19.39 -17.72 -8.99
N SER A 460 -19.29 -16.45 -8.54
CA SER A 460 -20.20 -15.37 -8.92
C SER A 460 -19.83 -14.65 -10.19
N GLY A 461 -18.69 -15.01 -10.78
CA GLY A 461 -18.18 -14.33 -11.97
C GLY A 461 -17.69 -12.91 -11.70
N ILE A 462 -17.29 -12.59 -10.45
CA ILE A 462 -16.78 -11.26 -10.06
C ILE A 462 -15.26 -11.28 -10.33
N GLU A 463 -14.81 -10.63 -11.41
CA GLU A 463 -13.41 -10.65 -11.80
C GLU A 463 -12.59 -9.54 -11.13
N CYS A 464 -12.09 -9.87 -9.95
CA CYS A 464 -11.27 -9.00 -9.11
C CYS A 464 -9.82 -9.05 -9.52
N LYS A 465 -9.07 -8.07 -9.02
CA LYS A 465 -7.61 -8.08 -9.07
C LYS A 465 -7.18 -7.99 -7.63
N GLN A 466 -6.24 -8.83 -7.23
CA GLN A 466 -5.65 -8.65 -5.92
C GLN A 466 -4.67 -7.48 -6.03
N TYR A 467 -4.59 -6.65 -4.98
CA TYR A 467 -3.58 -5.60 -4.80
C TYR A 467 -2.59 -6.29 -3.89
N LEU A 468 -1.26 -6.10 -4.08
CA LEU A 468 -0.19 -6.85 -3.38
C LEU A 468 -0.44 -8.36 -3.62
N PRO A 469 -0.57 -8.76 -4.92
CA PRO A 469 -0.96 -10.15 -5.23
C PRO A 469 0.02 -11.21 -4.75
N HIS A 470 -0.51 -12.37 -4.43
CA HIS A 470 0.33 -13.49 -4.08
C HIS A 470 -0.25 -14.79 -4.60
N TYR A 471 0.50 -15.40 -5.52
CA TYR A 471 0.16 -16.67 -6.14
C TYR A 471 1.41 -17.56 -6.12
N THR A 472 1.20 -18.88 -6.05
CA THR A 472 2.27 -19.88 -6.01
C THR A 472 2.24 -20.79 -7.25
N SER A 473 1.49 -20.37 -8.27
CA SER A 473 1.39 -21.08 -9.55
C SER A 473 1.36 -20.05 -10.67
N GLN A 474 1.96 -20.39 -11.82
CA GLN A 474 2.00 -19.49 -12.97
C GLN A 474 0.60 -19.23 -13.55
N ASP A 475 -0.37 -20.15 -13.32
CA ASP A 475 -1.77 -19.96 -13.71
C ASP A 475 -2.37 -18.73 -13.00
N GLY A 476 -2.07 -18.59 -11.69
CA GLY A 476 -2.49 -17.47 -10.86
C GLY A 476 -1.94 -16.14 -11.37
N TRP A 477 -0.64 -16.10 -11.71
CA TRP A 477 0.04 -14.91 -12.23
C TRP A 477 -0.41 -14.53 -13.64
N ARG A 478 -0.64 -15.53 -14.53
CA ARG A 478 -1.17 -15.29 -15.89
C ARG A 478 -2.58 -14.72 -15.80
N ARG A 479 -3.42 -15.24 -14.89
CA ARG A 479 -4.77 -14.70 -14.68
C ARG A 479 -4.68 -13.26 -14.13
N HIS A 480 -3.77 -13.01 -13.15
CA HIS A 480 -3.55 -11.69 -12.57
C HIS A 480 -3.13 -10.64 -13.61
N PHE A 481 -2.07 -10.93 -14.40
CA PHE A 481 -1.54 -9.94 -15.34
C PHE A 481 -2.31 -9.86 -16.69
N GLY A 482 -3.10 -10.90 -17.00
CA GLY A 482 -3.98 -10.97 -18.16
C GLY A 482 -3.34 -10.55 -19.48
N ALA A 483 -3.85 -9.44 -20.06
CA ALA A 483 -3.37 -8.87 -21.32
C ALA A 483 -1.90 -8.40 -21.29
N LYS A 484 -1.37 -8.10 -20.08
CA LYS A 484 -0.01 -7.60 -19.92
C LYS A 484 1.02 -8.71 -19.74
N TRP A 485 0.57 -9.96 -19.46
CA TRP A 485 1.46 -11.08 -19.16
C TRP A 485 2.62 -11.30 -20.16
N SER A 486 2.33 -11.35 -21.47
CA SER A 486 3.34 -11.56 -22.52
C SER A 486 4.40 -10.46 -22.52
N ARG A 487 3.98 -9.19 -22.37
CA ARG A 487 4.88 -8.04 -22.30
C ARG A 487 5.77 -8.13 -21.03
N ILE A 488 5.17 -8.54 -19.89
CA ILE A 488 5.85 -8.71 -18.60
C ILE A 488 6.92 -9.79 -18.67
N ALA A 489 6.60 -10.95 -19.30
CA ALA A 489 7.53 -12.06 -19.51
C ALA A 489 8.72 -11.63 -20.38
N GLU A 490 8.46 -10.81 -21.43
CA GLU A 490 9.49 -10.29 -22.34
C GLU A 490 10.44 -9.30 -21.57
N LEU A 491 9.87 -8.37 -20.77
CA LEU A 491 10.64 -7.40 -19.99
C LEU A 491 11.47 -8.09 -18.89
N LYS A 492 10.93 -9.18 -18.31
CA LYS A 492 11.63 -10.00 -17.30
C LYS A 492 12.88 -10.66 -17.92
N ALA A 493 12.74 -11.29 -19.12
CA ALA A 493 13.84 -11.96 -19.82
C ALA A 493 14.95 -10.94 -20.16
N ARG A 494 14.56 -9.70 -20.48
CA ARG A 494 15.50 -8.64 -20.78
C ARG A 494 16.20 -8.06 -19.52
N TYR A 495 15.44 -7.67 -18.48
CA TYR A 495 15.97 -6.96 -17.31
C TYR A 495 16.46 -7.84 -16.15
N ASP A 496 15.94 -9.06 -16.01
CA ASP A 496 16.39 -10.01 -14.99
C ASP A 496 16.44 -11.41 -15.63
N PRO A 497 17.35 -11.64 -16.62
CA PRO A 497 17.38 -12.94 -17.32
C PRO A 497 17.60 -14.17 -16.44
N ARG A 498 18.30 -14.02 -15.31
CA ARG A 498 18.57 -15.14 -14.42
C ARG A 498 17.52 -15.30 -13.30
N ALA A 499 16.47 -14.44 -13.32
CA ALA A 499 15.38 -14.42 -12.31
C ALA A 499 15.94 -14.38 -10.87
N LEU A 500 16.90 -13.48 -10.63
CA LEU A 500 17.55 -13.29 -9.33
C LEU A 500 16.73 -12.45 -8.37
N LEU A 501 16.00 -11.46 -8.90
CA LEU A 501 15.34 -10.43 -8.09
C LEU A 501 13.99 -10.78 -7.48
N SER A 502 13.86 -10.40 -6.18
CA SER A 502 12.67 -10.59 -5.33
C SER A 502 11.98 -11.93 -5.64
N PRO A 503 12.67 -13.09 -5.46
CA PRO A 503 12.03 -14.37 -5.79
C PRO A 503 10.85 -14.76 -4.89
N GLY A 504 10.75 -14.11 -3.72
CA GLY A 504 9.65 -14.27 -2.78
C GLY A 504 8.30 -13.88 -3.35
N GLN A 505 8.28 -13.13 -4.47
CA GLN A 505 7.05 -12.78 -5.19
C GLN A 505 6.45 -14.05 -5.87
N ARG A 506 7.32 -15.04 -6.21
CA ARG A 506 6.99 -16.36 -6.78
C ARG A 506 6.33 -16.28 -8.18
N ILE A 507 6.70 -15.26 -8.97
CA ILE A 507 6.14 -15.10 -10.31
C ILE A 507 6.96 -15.91 -11.33
N PHE A 508 8.28 -15.83 -11.28
CA PHE A 508 9.13 -16.50 -12.27
C PHE A 508 10.04 -17.60 -11.71
N PRO A 509 10.00 -18.83 -12.28
CA PRO A 509 10.95 -19.87 -11.84
C PRO A 509 12.36 -19.53 -12.35
N VAL A 510 13.40 -20.03 -11.66
CA VAL A 510 14.80 -19.79 -12.05
C VAL A 510 15.18 -20.54 -13.34
N PRO A 511 15.71 -19.84 -14.38
CA PRO A 511 16.09 -20.53 -15.62
C PRO A 511 17.48 -21.20 -15.55
C1 OHZ B . -4.75 1.13 7.90
C2 OHZ B . -5.47 2.18 8.46
C3 OHZ B . -5.70 2.20 9.82
C4 OHZ B . -5.24 1.19 10.65
C5 OHZ B . -4.56 0.13 10.07
C6 OHZ B . -3.17 -1.15 11.51
C7 OHZ B . -4.28 0.10 8.71
C9 OHZ B . -3.01 -1.89 3.74
C10 OHZ B . -2.51 -2.69 2.73
C11 OHZ B . -2.75 -2.37 1.40
C12 OHZ B . -3.51 -1.25 1.09
C14 OHZ B . -4.83 0.80 1.69
F2 OHZ B . -3.12 -0.27 12.50
F OHZ B . -3.08 -2.36 12.05
F1 OHZ B . -2.10 -0.96 10.76
O1 OHZ B . -4.31 -1.05 10.82
CL OHZ B . -6.65 3.47 10.51
N OHZ B . -4.57 1.07 6.49
C OHZ B . -3.86 0.14 5.78
O OHZ B . -3.10 -0.68 6.29
N1 OHZ B . -4.16 0.18 4.44
C8 OHZ B . -3.75 -0.74 3.43
C13 OHZ B . -4.03 -0.43 2.09
C15 OHZ B . -6.32 0.65 1.99
O2 OHZ B . -6.83 1.91 2.41
PA FAD C . 9.11 -4.70 1.73
O1A FAD C . 8.01 -5.25 2.52
O2A FAD C . 10.42 -4.77 2.50
O5B FAD C . 9.26 -5.34 0.28
C5B FAD C . 8.07 -5.67 -0.48
C4B FAD C . 8.47 -6.18 -1.86
O4B FAD C . 9.02 -5.09 -2.64
C3B FAD C . 9.51 -7.30 -1.90
O3B FAD C . 9.28 -8.15 -3.01
C2B FAD C . 10.82 -6.51 -2.02
O2B FAD C . 11.94 -7.25 -2.51
C1B FAD C . 10.38 -5.36 -2.94
N9A FAD C . 11.14 -4.12 -2.79
C8A FAD C . 11.40 -3.42 -1.64
N7A FAD C . 12.07 -2.32 -1.82
C5A FAD C . 12.28 -2.29 -3.20
C6A FAD C . 12.97 -1.38 -4.04
N6A FAD C . 13.63 -0.30 -3.59
N1A FAD C . 12.99 -1.65 -5.37
C2A FAD C . 12.39 -2.75 -5.81
N3A FAD C . 11.72 -3.69 -5.11
C4A FAD C . 11.71 -3.39 -3.81
N1 FAD C . 0.07 -0.20 0.76
C2 FAD C . -0.66 0.79 0.14
O2 FAD C . -0.59 1.00 -1.07
N3 FAD C . -1.43 1.65 0.91
C4 FAD C . -1.54 1.63 2.29
O4 FAD C . -2.30 2.42 2.86
C4X FAD C . -0.75 0.59 2.94
N5 FAD C . -0.78 0.53 4.24
C5X FAD C . 0.02 -0.44 4.86
C6 FAD C . 0.02 -0.49 6.25
C7 FAD C . 0.85 -1.38 6.95
C7M FAD C . 0.78 -1.42 8.45
C8 FAD C . 1.69 -2.25 6.22
C8M FAD C . 2.58 -3.24 6.92
C9 FAD C . 1.66 -2.21 4.82
C9A FAD C . 0.84 -1.32 4.13
N10 FAD C . 0.81 -1.23 2.70
C10 FAD C . 0.04 -0.28 2.08
C1' FAD C . 1.59 -2.19 1.88
C2' FAD C . 2.94 -1.69 1.38
O2' FAD C . 2.76 -0.58 0.51
C3' FAD C . 3.69 -2.74 0.56
O3' FAD C . 3.65 -3.99 1.25
C4' FAD C . 5.07 -2.35 0.04
O4' FAD C . 5.82 -3.50 -0.33
C5' FAD C . 5.87 -1.41 0.93
O5' FAD C . 6.57 -2.09 1.99
P FAD C . 8.22 -1.97 2.26
O1P FAD C . 9.06 -0.76 2.11
O2P FAD C . 8.29 -2.40 3.70
O3P FAD C . 8.84 -3.15 1.39
C1 IPA D . -13.56 20.40 15.16
C2 IPA D . -14.33 19.63 16.24
C3 IPA D . -13.40 18.71 17.06
O2 IPA D . -14.90 20.51 17.17
C1 IPA E . 18.30 12.74 -3.27
C2 IPA E . 19.07 11.75 -4.14
C3 IPA E . 20.48 11.66 -3.62
O2 IPA E . 18.54 10.45 -4.00
C1 IPA F . 5.05 -2.62 -18.44
C2 IPA F . 4.06 -3.41 -19.30
C3 IPA F . 3.11 -4.21 -18.40
O2 IPA F . 3.22 -2.53 -19.98
C1 IPA G . -14.27 14.29 18.36
C2 IPA G . -13.77 12.85 18.21
C3 IPA G . -13.30 12.37 19.59
O2 IPA G . -14.84 11.98 17.84
C1 PEG H . 11.80 14.62 -15.90
O1 PEG H . 11.89 13.21 -16.01
C2 PEG H . 12.06 15.08 -14.49
O2 PEG H . 11.99 16.49 -14.41
C3 PEG H . 11.09 16.96 -13.41
C4 PEG H . 10.10 17.90 -14.02
O4 PEG H . 9.23 18.45 -13.04
C1 PEG I . 4.34 -20.96 3.72
O1 PEG I . 5.42 -20.58 4.56
C2 PEG I . 3.04 -20.94 4.46
O2 PEG I . 2.78 -19.64 4.97
C3 PEG I . 1.44 -19.23 4.82
C4 PEG I . 1.35 -17.74 4.74
O4 PEG I . 1.58 -17.26 3.43
C1 PEG J . 12.17 2.43 -24.64
O1 PEG J . 10.82 2.21 -25.03
C2 PEG J . 12.70 3.73 -25.18
O2 PEG J . 12.08 4.82 -24.52
C3 PEG J . 11.29 5.63 -25.40
C4 PEG J . 10.64 6.73 -24.63
O4 PEG J . 9.63 7.38 -25.38
C1 EDO K . -24.12 2.27 -5.92
O1 EDO K . -24.78 1.70 -4.79
C2 EDO K . -23.16 1.20 -6.52
O2 EDO K . -22.62 1.71 -7.75
C1 EDO L . -3.14 21.24 -2.56
O1 EDO L . -2.51 22.27 -1.83
C2 EDO L . -3.76 20.22 -1.57
O2 EDO L . -4.88 19.60 -2.18
C1 EDO M . -2.77 -19.73 -6.51
O1 EDO M . -2.05 -20.00 -7.71
C2 EDO M . -1.82 -19.84 -5.30
O2 EDO M . -2.39 -19.24 -4.14
C1 EDO N . 7.34 -17.36 12.81
O1 EDO N . 7.53 -15.97 12.64
C2 EDO N . 6.68 -17.96 11.54
O2 EDO N . 6.91 -19.37 11.49
C1 EDO O . -8.23 -12.93 -6.88
O1 EDO O . -7.32 -14.03 -6.75
C2 EDO O . -8.64 -12.73 -8.36
O2 EDO O . -9.25 -13.91 -8.84
C1 EDO P . 22.46 6.56 -16.85
O1 EDO P . 22.31 6.09 -15.52
C2 EDO P . 21.11 6.53 -17.61
O2 EDO P . 20.60 5.21 -17.75
C1 EDO Q . -24.04 -13.71 -2.97
O1 EDO Q . -24.55 -13.85 -1.65
C2 EDO Q . -24.29 -12.30 -3.52
O2 EDO Q . -24.03 -12.27 -4.92
C1 EDO R . 11.99 -17.40 -16.63
O1 EDO R . 11.23 -17.90 -15.55
C2 EDO R . 11.64 -15.92 -16.82
O2 EDO R . 12.33 -15.39 -17.94
C1 EDO S . 4.52 -18.40 -19.42
O1 EDO S . 3.25 -19.01 -19.34
C2 EDO S . 4.61 -17.55 -20.70
O2 EDO S . 5.64 -16.59 -20.53
C1 EDO T . 19.48 13.41 -9.32
O1 EDO T . 20.24 12.31 -8.86
C2 EDO T . 19.87 13.74 -10.79
O2 EDO T . 19.64 12.59 -11.60
#